data_1XP3
#
_entry.id   1XP3
#
_cell.length_a   97.886
_cell.length_b   55.390
_cell.length_c   64.972
_cell.angle_alpha   90.00
_cell.angle_beta   89.43
_cell.angle_gamma   90.00
#
_symmetry.space_group_name_H-M   'C 1 2 1'
#
loop_
_entity.id
_entity.type
_entity.pdbx_description
1 polymer 'endonuclease IV'
2 non-polymer 'ZINC ION'
3 non-polymer 'SULFATE ION'
4 water water
#
_entity_poly.entity_id   1
_entity_poly.type   'polypeptide(L)'
_entity_poly.pdbx_seq_one_letter_code
;GSSHHHHHHMLKIGSHVSMSGKKMLLAASEEAVSYGATTFMIYTGAPQNTRRKPIEELNIEAGRKHMEQNGIEEIIIHAP
YIINVGNTTKPETFQLGVDFLRMEIERTSALGVAKQIVLHPGAHVGAGADAGIQQIIKGLNEVLTPDQTVNIALETMAGK
GTECGRSFEEIAKIIDGVKYNEKLSVCFDTCHTHDAGYDIVNNFDGVLNEFDKIVGIDRLQVLHINDSKNVRGAGKDRHE
NIGFGHIGYKALHHIVHHPQLTHVPKILETPYVGEDKKDKKPPYKLEIEMLKNGTFDEGLLEKIKAQ
;
_entity_poly.pdbx_strand_id   A
#
# COMPACT_ATOMS: atom_id res chain seq x y z
N LEU A 11 9.11 3.11 15.42
CA LEU A 11 9.18 3.15 13.92
C LEU A 11 8.61 1.87 13.34
N LYS A 12 7.35 1.96 12.98
CA LYS A 12 6.61 0.83 12.47
C LYS A 12 7.03 0.69 11.00
N ILE A 13 7.94 -0.22 10.66
CA ILE A 13 8.42 -0.24 9.27
C ILE A 13 8.70 -1.62 8.71
N GLY A 14 8.28 -1.84 7.47
CA GLY A 14 8.49 -3.13 6.83
C GLY A 14 8.37 -3.06 5.33
N SER A 15 7.81 -4.13 4.76
CA SER A 15 7.78 -4.28 3.32
C SER A 15 6.68 -5.19 2.80
N HIS A 16 6.45 -5.13 1.49
CA HIS A 16 5.74 -6.19 0.76
C HIS A 16 6.52 -7.50 1.07
N VAL A 17 5.81 -8.56 1.49
CA VAL A 17 6.35 -9.93 1.50
C VAL A 17 5.39 -10.95 0.91
N SER A 18 5.89 -12.16 0.70
CA SER A 18 5.07 -13.21 0.09
C SER A 18 4.59 -14.33 1.01
N MET A 19 3.37 -14.77 0.72
CA MET A 19 2.86 -16.05 1.19
C MET A 19 3.06 -17.11 0.15
N SER A 20 3.95 -18.04 0.45
CA SER A 20 4.39 -19.08 -0.48
C SER A 20 3.42 -20.25 -0.59
N GLY A 21 2.73 -20.56 0.52
CA GLY A 21 2.05 -21.85 0.71
C GLY A 21 3.11 -22.91 0.62
N LYS A 22 3.05 -23.98 1.41
CA LYS A 22 2.00 -24.21 2.38
C LYS A 22 2.24 -23.49 3.69
N LYS A 23 3.47 -23.01 3.91
CA LYS A 23 3.76 -22.09 5.00
C LYS A 23 2.80 -20.91 4.99
N MET A 24 2.60 -20.33 3.81
CA MET A 24 1.71 -19.18 3.66
C MET A 24 2.16 -18.10 4.64
N LEU A 25 1.40 -17.91 5.71
CA LEU A 25 1.58 -16.77 6.60
C LEU A 25 2.91 -16.85 7.34
N LEU A 26 3.33 -18.08 7.67
CA LEU A 26 4.63 -18.28 8.31
C LEU A 26 5.76 -17.80 7.42
N ALA A 27 5.63 -18.08 6.13
CA ALA A 27 6.60 -17.61 5.13
C ALA A 27 6.66 -16.08 5.06
N ALA A 28 5.51 -15.42 5.00
CA ALA A 28 5.49 -13.97 5.02
C ALA A 28 6.27 -13.42 6.22
N SER A 29 6.00 -13.98 7.39
CA SER A 29 6.57 -13.46 8.64
C SER A 29 8.07 -13.73 8.77
N GLU A 30 8.52 -14.91 8.35
CA GLU A 30 9.95 -15.21 8.29
C GLU A 30 10.69 -14.23 7.38
N GLU A 31 10.12 -13.96 6.21
CA GLU A 31 10.78 -13.07 5.28
C GLU A 31 10.95 -11.66 5.88
N ALA A 32 9.92 -11.25 6.62
CA ALA A 32 9.86 -9.91 7.15
C ALA A 32 10.84 -9.78 8.29
N VAL A 33 10.88 -10.82 9.12
CA VAL A 33 11.80 -10.92 10.22
C VAL A 33 13.20 -10.82 9.65
N SER A 34 13.46 -11.57 8.58
CA SER A 34 14.76 -11.58 7.91
C SER A 34 15.18 -10.25 7.30
N TYR A 35 14.25 -9.30 7.17
CA TYR A 35 14.61 -7.93 6.77
C TYR A 35 14.73 -6.97 7.94
N GLY A 36 14.54 -7.51 9.15
CA GLY A 36 14.45 -6.72 10.37
C GLY A 36 13.23 -5.82 10.39
N ALA A 37 12.10 -6.35 9.93
CA ALA A 37 10.90 -5.57 9.83
C ALA A 37 9.96 -5.75 11.05
N THR A 38 9.38 -4.62 11.51
CA THR A 38 8.42 -4.59 12.63
C THR A 38 6.95 -4.71 12.20
N THR A 39 6.66 -4.42 10.93
CA THR A 39 5.37 -4.75 10.32
C THR A 39 5.65 -5.32 8.93
N PHE A 40 4.63 -5.79 8.23
CA PHE A 40 4.78 -6.10 6.82
C PHE A 40 3.46 -6.03 6.07
N MET A 41 3.52 -6.18 4.77
CA MET A 41 2.33 -6.21 3.94
C MET A 41 2.33 -7.45 3.07
N ILE A 42 1.14 -8.05 2.99
CA ILE A 42 0.88 -9.18 2.12
C ILE A 42 -0.34 -8.92 1.23
N TYR A 43 -0.30 -9.56 0.06
CA TYR A 43 -1.48 -9.91 -0.72
C TYR A 43 -1.98 -11.30 -0.20
N THR A 44 -3.25 -11.61 -0.40
CA THR A 44 -3.82 -12.83 0.16
C THR A 44 -3.72 -14.03 -0.76
N GLY A 45 -2.75 -14.00 -1.66
CA GLY A 45 -2.94 -14.50 -3.00
C GLY A 45 -2.01 -13.78 -3.93
N ALA A 46 -2.04 -14.16 -5.20
CA ALA A 46 -1.36 -13.39 -6.22
C ALA A 46 -2.00 -12.02 -6.36
N PRO A 47 -1.16 -11.01 -6.50
CA PRO A 47 -1.67 -9.64 -6.67
C PRO A 47 -2.44 -9.43 -7.96
N GLN A 48 -2.14 -10.25 -8.96
CA GLN A 48 -2.60 -10.00 -10.32
C GLN A 48 -3.85 -10.82 -10.64
N ASN A 49 -4.27 -11.64 -9.70
CA ASN A 49 -5.55 -12.34 -9.80
C ASN A 49 -6.23 -12.51 -8.45
N THR A 50 -7.19 -13.44 -8.38
CA THR A 50 -8.44 -13.20 -7.66
C THR A 50 -8.77 -14.37 -6.74
N ARG A 51 -8.85 -15.57 -7.31
CA ARG A 51 -7.79 -16.56 -7.15
C ARG A 51 -7.23 -16.54 -5.73
N ARG A 52 -7.77 -17.40 -4.86
CA ARG A 52 -7.43 -17.37 -3.45
C ARG A 52 -7.65 -18.72 -2.77
N LYS A 53 -6.78 -19.03 -1.80
CA LYS A 53 -6.89 -20.26 -1.02
C LYS A 53 -7.86 -20.00 0.10
N PRO A 54 -8.46 -21.06 0.67
CA PRO A 54 -9.43 -20.78 1.69
C PRO A 54 -8.73 -20.28 2.94
N ILE A 55 -9.50 -19.70 3.84
CA ILE A 55 -8.93 -19.15 5.08
C ILE A 55 -8.12 -20.22 5.85
N GLU A 56 -8.63 -21.45 5.81
CA GLU A 56 -8.01 -22.61 6.48
C GLU A 56 -6.59 -22.88 5.98
N GLU A 57 -6.29 -22.60 4.73
CA GLU A 57 -4.94 -22.88 4.19
C GLU A 57 -3.92 -21.74 4.33
N LEU A 58 -4.28 -20.67 5.02
CA LEU A 58 -3.35 -19.55 5.18
C LEU A 58 -2.37 -19.67 6.37
N ASN A 59 -2.48 -20.77 7.13
CA ASN A 59 -1.54 -21.10 8.21
C ASN A 59 -1.39 -19.99 9.20
N ILE A 60 -2.53 -19.44 9.57
CA ILE A 60 -2.63 -18.21 10.35
C ILE A 60 -2.15 -18.38 11.79
N GLU A 61 -2.54 -19.48 12.42
CA GLU A 61 -2.10 -19.75 13.77
C GLU A 61 -0.58 -19.70 13.87
N ALA A 62 0.08 -20.46 13.01
CA ALA A 62 1.54 -20.54 12.97
C ALA A 62 2.23 -19.21 12.61
N GLY A 63 1.62 -18.45 11.72
CA GLY A 63 2.22 -17.20 11.28
C GLY A 63 2.05 -16.20 12.37
N ARG A 64 0.95 -16.27 13.08
CA ARG A 64 0.70 -15.37 14.20
C ARG A 64 1.62 -15.68 15.36
N LYS A 65 1.86 -16.97 15.59
CA LYS A 65 2.82 -17.38 16.60
C LYS A 65 4.22 -16.80 16.31
N HIS A 66 4.68 -16.92 15.06
CA HIS A 66 6.03 -16.45 14.71
C HIS A 66 6.16 -14.92 14.73
N MET A 67 5.10 -14.21 14.33
CA MET A 67 5.01 -12.75 14.52
C MET A 67 5.06 -12.32 16.00
N GLU A 68 4.38 -13.03 16.92
CA GLU A 68 4.51 -12.73 18.36
C GLU A 68 5.99 -12.86 18.78
N GLN A 69 6.57 -14.02 18.48
CA GLN A 69 7.96 -14.34 18.89
C GLN A 69 9.00 -13.34 18.39
N ASN A 70 8.75 -12.73 17.23
CA ASN A 70 9.71 -11.80 16.68
C ASN A 70 9.16 -10.39 16.62
N GLY A 71 8.22 -10.06 17.51
CA GLY A 71 7.79 -8.67 17.75
C GLY A 71 6.93 -7.97 16.70
N ILE A 72 6.38 -8.71 15.73
CA ILE A 72 5.49 -8.10 14.76
C ILE A 72 4.04 -8.16 15.30
N GLU A 73 3.46 -6.98 15.50
CA GLU A 73 2.11 -6.80 16.09
C GLU A 73 0.97 -6.46 15.09
N GLU A 74 1.28 -5.74 14.01
CA GLU A 74 0.29 -5.38 12.99
C GLU A 74 0.83 -5.72 11.62
N ILE A 75 -0.06 -6.09 10.71
CA ILE A 75 0.32 -6.30 9.30
C ILE A 75 -0.75 -5.74 8.37
N ILE A 76 -0.36 -5.52 7.12
CA ILE A 76 -1.24 -4.87 6.16
C ILE A 76 -1.66 -5.84 5.05
N ILE A 77 -2.87 -5.65 4.52
CA ILE A 77 -3.32 -6.43 3.36
C ILE A 77 -3.47 -5.49 2.18
N HIS A 78 -3.07 -5.95 1.00
CA HIS A 78 -3.36 -5.22 -0.21
C HIS A 78 -4.23 -6.10 -1.10
N ALA A 79 -5.37 -5.56 -1.53
CA ALA A 79 -6.28 -6.26 -2.40
C ALA A 79 -5.64 -6.36 -3.78
N PRO A 80 -6.02 -7.38 -4.57
CA PRO A 80 -5.35 -7.55 -5.87
C PRO A 80 -5.63 -6.34 -6.75
N TYR A 81 -4.72 -6.00 -7.65
CA TYR A 81 -4.90 -4.73 -8.39
C TYR A 81 -5.74 -4.80 -9.63
N ILE A 82 -6.26 -5.98 -9.95
CA ILE A 82 -7.25 -6.08 -11.02
C ILE A 82 -8.64 -5.70 -10.58
N ILE A 83 -8.85 -5.52 -9.28
CA ILE A 83 -10.16 -5.10 -8.77
C ILE A 83 -10.48 -3.71 -9.27
N ASN A 84 -11.57 -3.59 -10.01
CA ASN A 84 -11.99 -2.28 -10.50
C ASN A 84 -13.48 -2.06 -10.36
N VAL A 85 -13.85 -1.57 -9.17
CA VAL A 85 -15.24 -1.21 -8.88
C VAL A 85 -15.55 0.16 -9.47
N GLY A 86 -14.62 0.71 -10.28
CA GLY A 86 -14.88 1.91 -11.09
C GLY A 86 -15.43 1.56 -12.48
N ASN A 87 -15.48 0.26 -12.78
CA ASN A 87 -15.93 -0.19 -14.11
C ASN A 87 -17.41 0.05 -14.34
N THR A 88 -17.71 0.73 -15.45
CA THR A 88 -19.06 1.05 -15.82
C THR A 88 -19.57 0.29 -17.05
N THR A 89 -18.78 -0.52 -17.74
CA THR A 89 -19.25 -1.13 -19.00
C THR A 89 -19.40 -2.64 -19.00
N LYS A 90 -18.83 -3.25 -17.97
CA LYS A 90 -18.84 -4.71 -17.82
C LYS A 90 -19.38 -4.93 -16.43
N PRO A 91 -20.70 -5.10 -16.36
CA PRO A 91 -21.34 -5.32 -15.09
C PRO A 91 -20.70 -6.42 -14.25
N GLU A 92 -20.05 -7.40 -14.86
CA GLU A 92 -19.56 -8.53 -14.10
C GLU A 92 -18.18 -8.27 -13.46
N THR A 93 -17.43 -7.32 -14.00
CA THR A 93 -16.16 -6.89 -13.43
C THR A 93 -16.39 -6.07 -12.15
N PHE A 94 -17.35 -5.15 -12.21
CA PHE A 94 -17.84 -4.44 -11.03
C PHE A 94 -18.32 -5.41 -9.97
N GLN A 95 -19.16 -6.37 -10.38
CA GLN A 95 -19.73 -7.33 -9.43
C GLN A 95 -18.66 -8.23 -8.86
N LEU A 96 -17.68 -8.58 -9.68
CA LEU A 96 -16.56 -9.40 -9.24
C LEU A 96 -15.71 -8.70 -8.18
N GLY A 97 -15.53 -7.39 -8.32
CA GLY A 97 -14.80 -6.61 -7.35
C GLY A 97 -15.52 -6.47 -6.01
N VAL A 98 -16.83 -6.25 -6.04
CA VAL A 98 -17.63 -6.22 -4.84
C VAL A 98 -17.49 -7.56 -4.11
N ASP A 99 -17.71 -8.64 -4.84
CA ASP A 99 -17.67 -9.99 -4.27
C ASP A 99 -16.33 -10.29 -3.61
N PHE A 100 -15.25 -9.93 -4.30
CA PHE A 100 -13.93 -10.27 -3.81
C PHE A 100 -13.54 -9.46 -2.55
N LEU A 101 -13.77 -8.15 -2.59
CA LEU A 101 -13.64 -7.33 -1.42
C LEU A 101 -14.43 -7.87 -0.20
N ARG A 102 -15.64 -8.33 -0.42
CA ARG A 102 -16.41 -9.00 0.63
C ARG A 102 -15.70 -10.24 1.18
N MET A 103 -15.08 -11.04 0.31
CA MET A 103 -14.32 -12.20 0.78
C MET A 103 -13.02 -11.78 1.44
N GLU A 104 -12.44 -10.69 0.93
CA GLU A 104 -11.15 -10.18 1.36
C GLU A 104 -11.24 -9.61 2.75
N ILE A 105 -12.37 -8.98 3.05
CA ILE A 105 -12.60 -8.46 4.38
C ILE A 105 -12.74 -9.62 5.35
N GLU A 106 -13.31 -10.73 4.90
CA GLU A 106 -13.48 -11.93 5.72
C GLU A 106 -12.12 -12.55 6.05
N ARG A 107 -11.27 -12.73 5.03
CA ARG A 107 -9.88 -13.21 5.20
C ARG A 107 -9.07 -12.35 6.14
N THR A 108 -9.11 -11.06 5.88
CA THR A 108 -8.30 -10.10 6.60
C THR A 108 -8.77 -10.12 8.06
N SER A 109 -10.08 -10.04 8.27
CA SER A 109 -10.61 -10.22 9.61
C SER A 109 -10.05 -11.47 10.28
N ALA A 110 -9.68 -12.44 9.46
CA ALA A 110 -9.41 -13.78 9.95
C ALA A 110 -7.95 -13.96 10.34
N LEU A 111 -7.08 -13.19 9.72
CA LEU A 111 -5.96 -12.62 10.45
C LEU A 111 -6.54 -11.93 11.64
N GLY A 112 -5.77 -11.86 12.72
CA GLY A 112 -6.24 -11.19 13.91
C GLY A 112 -5.96 -9.72 13.77
N VAL A 113 -4.88 -9.42 13.06
CA VAL A 113 -4.06 -8.28 13.39
C VAL A 113 -3.70 -7.51 12.14
N ALA A 114 -4.59 -7.56 11.16
CA ALA A 114 -4.55 -6.57 10.08
C ALA A 114 -5.77 -5.67 10.21
N LYS A 115 -5.54 -4.37 10.36
CA LYS A 115 -6.61 -3.38 10.45
C LYS A 115 -7.02 -2.89 9.07
N GLN A 116 -6.18 -3.10 8.06
CA GLN A 116 -6.29 -2.39 6.77
C GLN A 116 -6.14 -3.30 5.56
N ILE A 117 -6.98 -3.00 4.55
CA ILE A 117 -6.85 -3.54 3.21
C ILE A 117 -6.67 -2.36 2.25
N VAL A 118 -5.49 -2.31 1.63
CA VAL A 118 -5.19 -1.32 0.60
C VAL A 118 -5.89 -1.72 -0.69
N LEU A 119 -6.52 -0.70 -1.27
CA LEU A 119 -7.33 -0.83 -2.47
C LEU A 119 -7.02 0.33 -3.38
N HIS A 120 -6.62 0.00 -4.61
CA HIS A 120 -6.62 0.99 -5.67
C HIS A 120 -8.08 1.35 -5.98
N PRO A 121 -8.48 2.60 -5.70
CA PRO A 121 -9.91 2.88 -5.83
C PRO A 121 -10.50 2.37 -7.13
N GLY A 122 -9.84 2.60 -8.23
CA GLY A 122 -10.45 2.23 -9.50
C GLY A 122 -9.93 3.00 -10.69
N ALA A 123 -10.26 2.49 -11.88
CA ALA A 123 -9.92 3.11 -13.15
C ALA A 123 -11.24 3.39 -13.86
N HIS A 124 -11.44 4.61 -14.36
CA HIS A 124 -12.68 4.95 -15.01
C HIS A 124 -12.68 4.53 -16.47
N VAL A 125 -11.50 4.16 -16.97
CA VAL A 125 -11.31 3.61 -18.33
C VAL A 125 -12.22 4.21 -19.48
N GLY A 126 -12.31 5.53 -19.49
CA GLY A 126 -12.98 6.27 -20.55
C GLY A 126 -14.32 6.91 -20.20
N ALA A 127 -14.87 6.56 -19.05
CA ALA A 127 -16.08 7.19 -18.53
C ALA A 127 -15.77 8.55 -17.91
N GLY A 128 -14.50 8.86 -17.73
CA GLY A 128 -14.12 10.05 -16.98
C GLY A 128 -14.26 9.85 -15.48
N ALA A 129 -13.46 10.61 -14.76
CA ALA A 129 -13.36 10.48 -13.32
C ALA A 129 -14.68 10.56 -12.57
N ASP A 130 -15.52 11.50 -12.94
CA ASP A 130 -16.75 11.70 -12.17
C ASP A 130 -17.53 10.39 -12.12
N ALA A 131 -17.68 9.80 -13.29
CA ALA A 131 -18.46 8.59 -13.48
C ALA A 131 -17.81 7.43 -12.77
N GLY A 132 -16.48 7.33 -12.90
CA GLY A 132 -15.74 6.25 -12.27
C GLY A 132 -15.86 6.34 -10.75
N ILE A 133 -15.83 7.56 -10.23
CA ILE A 133 -15.83 7.79 -8.79
C ILE A 133 -17.19 7.48 -8.20
N GLN A 134 -18.23 7.73 -8.96
CA GLN A 134 -19.58 7.42 -8.53
C GLN A 134 -19.79 5.92 -8.47
N GLN A 135 -19.07 5.16 -9.32
CA GLN A 135 -19.19 3.69 -9.32
C GLN A 135 -18.47 3.07 -8.16
N ILE A 136 -17.33 3.64 -7.85
CA ILE A 136 -16.53 3.23 -6.70
C ILE A 136 -17.32 3.45 -5.39
N ILE A 137 -17.96 4.59 -5.29
CA ILE A 137 -18.83 4.85 -4.15
C ILE A 137 -19.87 3.74 -4.07
N LYS A 138 -20.44 3.43 -5.22
CA LYS A 138 -21.52 2.48 -5.34
C LYS A 138 -21.05 1.06 -4.96
N GLY A 139 -19.94 0.66 -5.54
CA GLY A 139 -19.30 -0.59 -5.18
C GLY A 139 -19.00 -0.65 -3.69
N LEU A 140 -18.42 0.42 -3.16
CA LEU A 140 -18.05 0.43 -1.75
C LEU A 140 -19.28 0.32 -0.85
N ASN A 141 -20.36 0.99 -1.26
CA ASN A 141 -21.58 0.97 -0.50
C ASN A 141 -22.21 -0.39 -0.47
N GLU A 142 -21.86 -1.21 -1.46
CA GLU A 142 -22.29 -2.60 -1.52
C GLU A 142 -21.40 -3.50 -0.70
N VAL A 143 -20.16 -3.10 -0.49
CA VAL A 143 -19.24 -3.93 0.28
C VAL A 143 -19.34 -3.75 1.80
N LEU A 144 -19.41 -2.51 2.23
CA LEU A 144 -19.09 -2.19 3.61
C LEU A 144 -20.24 -2.44 4.57
N THR A 145 -19.89 -2.97 5.75
CA THR A 145 -20.82 -3.10 6.85
C THR A 145 -20.40 -2.21 8.05
N PRO A 146 -21.39 -1.69 8.80
CA PRO A 146 -21.13 -0.80 9.93
C PRO A 146 -20.41 -1.48 11.07
N ASP A 147 -20.41 -2.82 11.07
CA ASP A 147 -19.78 -3.58 12.14
C ASP A 147 -18.54 -4.40 11.71
N GLN A 148 -18.01 -4.16 10.50
CA GLN A 148 -16.77 -4.83 10.09
C GLN A 148 -15.59 -4.25 10.88
N THR A 149 -14.56 -5.08 11.07
CA THR A 149 -13.44 -4.78 11.99
C THR A 149 -12.13 -4.52 11.27
N VAL A 150 -12.18 -4.28 9.98
CA VAL A 150 -10.99 -3.93 9.20
C VAL A 150 -11.38 -2.79 8.26
N ASN A 151 -10.48 -1.84 8.04
CA ASN A 151 -10.82 -0.80 7.13
C ASN A 151 -10.26 -1.10 5.77
N ILE A 152 -10.86 -0.43 4.79
CA ILE A 152 -10.23 -0.33 3.48
C ILE A 152 -9.49 0.99 3.35
N ALA A 153 -8.23 0.85 2.99
CA ALA A 153 -7.29 1.95 2.90
C ALA A 153 -7.17 2.28 1.45
N LEU A 154 -7.84 3.36 1.07
CA LEU A 154 -7.82 3.78 -0.31
C LEU A 154 -6.44 4.31 -0.65
N GLU A 155 -5.79 3.72 -1.64
CA GLU A 155 -4.47 4.20 -2.06
C GLU A 155 -4.50 5.44 -2.98
N THR A 156 -3.82 6.45 -2.48
CA THR A 156 -3.20 7.52 -3.26
C THR A 156 -2.60 6.99 -4.56
N MET A 157 -3.21 7.31 -5.72
CA MET A 157 -2.72 6.82 -7.03
C MET A 157 -1.89 7.83 -7.85
N ALA A 158 -1.06 7.27 -8.72
CA ALA A 158 -0.08 8.07 -9.43
C ALA A 158 -0.70 8.85 -10.59
N GLY A 159 -1.92 8.52 -10.93
CA GLY A 159 -2.58 9.10 -12.09
C GLY A 159 -2.19 8.42 -13.39
N LYS A 160 -1.77 7.17 -13.34
CA LYS A 160 -1.44 6.45 -14.54
C LYS A 160 -2.71 6.05 -15.23
N GLY A 161 -2.70 5.98 -16.56
CA GLY A 161 -3.93 5.74 -17.32
C GLY A 161 -5.16 6.46 -16.76
N THR A 162 -6.23 5.69 -16.49
CA THR A 162 -7.51 6.24 -16.02
C THR A 162 -7.78 6.03 -14.54
N GLU A 163 -6.74 5.98 -13.75
CA GLU A 163 -6.87 5.77 -12.33
C GLU A 163 -7.61 6.89 -11.67
N CYS A 164 -8.59 6.51 -10.87
CA CYS A 164 -9.19 7.39 -9.87
C CYS A 164 -8.46 7.22 -8.53
N GLY A 165 -8.50 8.30 -7.73
CA GLY A 165 -7.73 8.39 -6.49
C GLY A 165 -6.41 9.10 -6.69
N ARG A 166 -6.30 9.89 -7.76
CA ARG A 166 -5.02 10.56 -8.13
C ARG A 166 -4.79 11.89 -7.44
N SER A 167 -5.84 12.46 -6.86
CA SER A 167 -5.70 13.64 -6.05
C SER A 167 -6.39 13.36 -4.75
N PHE A 168 -6.07 14.16 -3.77
CA PHE A 168 -6.77 14.12 -2.47
C PHE A 168 -8.27 14.43 -2.61
N GLU A 169 -8.57 15.42 -3.44
CA GLU A 169 -9.93 15.76 -3.78
C GLU A 169 -10.68 14.51 -4.27
N GLU A 170 -10.05 13.69 -5.11
CA GLU A 170 -10.73 12.46 -5.59
C GLU A 170 -10.95 11.46 -4.45
N ILE A 171 -9.95 11.24 -3.62
CA ILE A 171 -10.08 10.38 -2.44
C ILE A 171 -11.23 10.82 -1.53
N ALA A 172 -11.18 12.09 -1.16
CA ALA A 172 -12.17 12.69 -0.27
C ALA A 172 -13.56 12.52 -0.86
N LYS A 173 -13.66 12.72 -2.16
CA LYS A 173 -14.92 12.63 -2.87
C LYS A 173 -15.51 11.22 -2.70
N ILE A 174 -14.64 10.22 -2.75
CA ILE A 174 -15.06 8.85 -2.54
C ILE A 174 -15.54 8.64 -1.12
N ILE A 175 -14.81 9.19 -0.17
CA ILE A 175 -15.19 8.98 1.21
C ILE A 175 -16.53 9.63 1.51
N ASP A 176 -16.72 10.85 1.01
CA ASP A 176 -17.98 11.55 1.22
C ASP A 176 -19.14 10.85 0.62
N GLY A 177 -18.90 10.08 -0.44
CA GLY A 177 -19.96 9.31 -1.08
C GLY A 177 -20.52 8.15 -0.28
N VAL A 178 -19.67 7.47 0.49
CA VAL A 178 -20.10 6.20 1.05
C VAL A 178 -20.65 6.40 2.44
N LYS A 179 -21.64 5.56 2.75
CA LYS A 179 -22.41 5.75 3.96
C LYS A 179 -21.66 5.28 5.20
N TYR A 180 -20.98 4.14 5.12
CA TYR A 180 -20.15 3.69 6.23
C TYR A 180 -18.70 4.13 6.02
N ASN A 181 -18.48 5.43 5.85
CA ASN A 181 -17.12 5.90 5.57
C ASN A 181 -16.16 5.82 6.80
N GLU A 182 -16.70 5.61 7.99
CA GLU A 182 -15.86 5.31 9.16
C GLU A 182 -14.99 4.04 8.93
N LYS A 183 -15.37 3.20 7.96
CA LYS A 183 -14.60 2.00 7.63
C LYS A 183 -13.58 2.22 6.50
N LEU A 184 -13.40 3.49 6.13
CA LEU A 184 -12.46 3.86 5.08
C LEU A 184 -11.26 4.64 5.62
N SER A 185 -10.06 4.23 5.25
CA SER A 185 -8.85 4.96 5.53
C SER A 185 -8.16 5.26 4.23
N VAL A 186 -7.00 5.92 4.31
CA VAL A 186 -6.18 6.01 3.14
C VAL A 186 -4.74 5.55 3.35
N CYS A 187 -4.17 5.13 2.21
CA CYS A 187 -2.79 4.69 2.08
C CYS A 187 -2.06 5.67 1.17
N PHE A 188 -1.13 6.39 1.77
CA PHE A 188 -0.38 7.47 1.12
C PHE A 188 0.89 6.87 0.55
N ASP A 189 0.98 6.76 -0.77
CA ASP A 189 2.19 6.22 -1.42
C ASP A 189 3.04 7.38 -1.94
N THR A 190 4.29 7.43 -1.48
CA THR A 190 5.15 8.56 -1.79
C THR A 190 5.45 8.69 -3.27
N CYS A 191 5.58 7.54 -3.93
CA CYS A 191 5.88 7.54 -5.35
C CYS A 191 4.71 8.13 -6.07
N HIS A 192 3.52 7.64 -5.71
CA HIS A 192 2.32 8.00 -6.43
C HIS A 192 2.08 9.50 -6.29
N THR A 193 2.10 9.99 -5.05
CA THR A 193 1.82 11.41 -4.80
C THR A 193 2.78 12.30 -5.57
N HIS A 194 4.07 11.98 -5.51
CA HIS A 194 5.07 12.68 -6.34
C HIS A 194 4.67 12.60 -7.82
N ASP A 195 4.48 11.38 -8.31
CA ASP A 195 4.15 11.19 -9.73
C ASP A 195 2.87 11.89 -10.11
N ALA A 196 2.01 12.11 -9.13
CA ALA A 196 0.72 12.75 -9.38
C ALA A 196 0.84 14.26 -9.28
N GLY A 197 2.00 14.76 -8.86
CA GLY A 197 2.34 16.17 -8.96
C GLY A 197 2.50 16.94 -7.66
N TYR A 198 2.43 16.25 -6.53
CA TYR A 198 2.54 16.89 -5.23
C TYR A 198 4.01 17.04 -4.99
N ASP A 199 4.43 18.19 -4.44
CA ASP A 199 5.85 18.38 -4.18
C ASP A 199 6.15 17.95 -2.74
N ILE A 200 6.23 16.64 -2.57
CA ILE A 200 6.71 16.06 -1.32
C ILE A 200 8.24 16.16 -1.10
N VAL A 201 8.99 16.65 -2.10
CA VAL A 201 10.45 16.79 -2.01
C VAL A 201 10.89 18.01 -1.21
N ASN A 202 10.51 19.22 -1.66
CA ASN A 202 10.72 20.40 -0.85
C ASN A 202 9.45 20.96 -0.17
N ASN A 203 8.39 20.17 -0.05
CA ASN A 203 7.20 20.65 0.69
C ASN A 203 6.21 19.55 1.13
N PHE A 204 6.74 18.41 1.56
CA PHE A 204 5.87 17.41 2.15
C PHE A 204 5.03 17.95 3.32
N ASP A 205 5.60 18.78 4.19
CA ASP A 205 4.82 19.35 5.29
C ASP A 205 3.60 20.10 4.75
N GLY A 206 3.81 20.87 3.69
CA GLY A 206 2.69 21.55 3.05
C GLY A 206 1.63 20.64 2.47
N VAL A 207 2.10 19.56 1.85
CA VAL A 207 1.29 18.52 1.23
C VAL A 207 0.52 17.74 2.25
N LEU A 208 1.10 17.57 3.42
CA LEU A 208 0.44 16.88 4.51
C LEU A 208 -0.72 17.74 5.05
N ASN A 209 -0.46 19.04 5.20
CA ASN A 209 -1.50 20.01 5.61
C ASN A 209 -2.71 20.00 4.69
N GLU A 210 -2.44 19.98 3.40
CA GLU A 210 -3.45 19.94 2.37
C GLU A 210 -4.25 18.64 2.53
N PHE A 211 -3.56 17.52 2.60
CA PHE A 211 -4.19 16.26 2.91
C PHE A 211 -5.07 16.38 4.12
N ASP A 212 -4.55 16.98 5.17
CA ASP A 212 -5.35 17.14 6.37
C ASP A 212 -6.59 17.97 6.12
N LYS A 213 -6.48 19.05 5.36
CA LYS A 213 -7.65 19.89 5.03
C LYS A 213 -8.68 19.22 4.14
N ILE A 214 -8.21 18.47 3.15
CA ILE A 214 -9.05 17.87 2.12
C ILE A 214 -9.62 16.53 2.56
N VAL A 215 -8.72 15.67 3.07
CA VAL A 215 -9.07 14.34 3.50
C VAL A 215 -9.08 14.16 5.02
N GLY A 216 -8.20 14.84 5.73
CA GLY A 216 -8.14 14.62 7.19
C GLY A 216 -7.08 13.58 7.57
N ILE A 217 -6.09 14.04 8.33
CA ILE A 217 -4.90 13.26 8.59
C ILE A 217 -5.15 11.96 9.36
N ASP A 218 -6.24 11.89 10.11
CA ASP A 218 -6.59 10.69 10.87
C ASP A 218 -6.90 9.49 9.98
N ARG A 219 -7.13 9.74 8.69
CA ARG A 219 -7.43 8.68 7.74
C ARG A 219 -6.14 8.12 7.12
N LEU A 220 -5.06 8.91 7.21
CA LEU A 220 -3.77 8.40 6.78
C LEU A 220 -3.29 7.26 7.74
N GLN A 221 -3.66 6.02 7.37
CA GLN A 221 -3.37 4.82 8.20
CA GLN A 221 -3.33 4.87 8.22
C GLN A 221 -2.33 3.88 7.59
N VAL A 222 -1.91 4.11 6.35
CA VAL A 222 -0.80 3.33 5.78
C VAL A 222 0.10 4.26 4.93
N LEU A 223 1.41 4.03 5.03
CA LEU A 223 2.41 4.79 4.31
C LEU A 223 3.15 3.83 3.43
N HIS A 224 3.16 4.10 2.14
CA HIS A 224 4.02 3.36 1.20
C HIS A 224 5.21 4.21 0.85
N ILE A 225 6.37 3.67 1.15
CA ILE A 225 7.63 4.37 1.01
C ILE A 225 8.40 3.86 -0.22
N ASN A 226 8.22 4.57 -1.33
CA ASN A 226 8.89 4.25 -2.56
C ASN A 226 9.57 5.48 -3.10
N ASP A 227 10.78 5.34 -3.62
CA ASP A 227 11.31 6.44 -4.37
C ASP A 227 10.73 6.24 -5.78
N SER A 228 11.00 7.20 -6.69
CA SER A 228 10.44 7.16 -8.01
C SER A 228 11.48 7.33 -9.11
N LYS A 229 11.23 6.64 -10.22
CA LYS A 229 12.11 6.65 -11.35
C LYS A 229 11.90 7.88 -12.23
N ASN A 230 10.82 8.63 -12.01
CA ASN A 230 10.45 9.74 -12.89
C ASN A 230 10.21 11.03 -12.16
N VAL A 231 10.22 12.12 -12.93
CA VAL A 231 10.03 13.49 -12.41
C VAL A 231 8.66 13.69 -11.76
N ARG A 232 8.56 14.74 -10.96
CA ARG A 232 7.27 15.10 -10.43
C ARG A 232 6.21 15.26 -11.58
N GLY A 233 5.00 14.78 -11.33
CA GLY A 233 3.90 14.87 -12.28
C GLY A 233 3.91 13.86 -13.42
N ALA A 234 4.87 12.96 -13.47
CA ALA A 234 4.99 12.06 -14.64
C ALA A 234 3.85 11.05 -14.76
N GLY A 235 3.23 10.70 -13.64
CA GLY A 235 2.11 9.79 -13.67
C GLY A 235 2.46 8.43 -14.22
N LYS A 236 3.64 7.90 -13.85
CA LYS A 236 4.17 6.65 -14.43
C LYS A 236 4.23 5.47 -13.45
N ASP A 237 4.08 5.72 -12.16
CA ASP A 237 4.12 4.65 -11.18
C ASP A 237 5.25 3.65 -11.45
N ARG A 238 6.48 4.17 -11.53
CA ARG A 238 7.67 3.34 -11.49
C ARG A 238 8.52 3.59 -10.23
N HIS A 239 8.49 2.63 -9.31
CA HIS A 239 9.14 2.74 -8.00
C HIS A 239 10.62 2.61 -8.18
N GLU A 240 11.38 3.25 -7.29
CA GLU A 240 12.83 3.18 -7.29
C GLU A 240 13.35 2.93 -5.87
N ASN A 241 14.58 2.44 -5.76
CA ASN A 241 15.22 2.24 -4.47
C ASN A 241 15.42 3.57 -3.70
N ILE A 242 15.33 3.49 -2.37
CA ILE A 242 15.23 4.67 -1.56
C ILE A 242 16.45 5.53 -1.72
N GLY A 243 16.27 6.74 -2.22
CA GLY A 243 17.37 7.70 -2.32
C GLY A 243 18.01 7.80 -3.69
N PHE A 244 17.77 6.81 -4.56
CA PHE A 244 18.35 6.79 -5.90
C PHE A 244 17.39 7.30 -6.95
N GLY A 245 16.23 7.79 -6.51
CA GLY A 245 15.24 8.34 -7.42
C GLY A 245 15.06 9.87 -7.42
N HIS A 246 13.92 10.31 -7.95
CA HIS A 246 13.64 11.72 -8.06
C HIS A 246 13.14 12.34 -6.74
N ILE A 247 12.72 11.51 -5.79
CA ILE A 247 12.28 12.04 -4.48
C ILE A 247 13.47 12.28 -3.54
N GLY A 248 14.36 11.29 -3.48
CA GLY A 248 15.63 11.41 -2.79
C GLY A 248 15.53 11.11 -1.32
N TYR A 249 16.70 10.86 -0.71
CA TYR A 249 16.75 10.40 0.66
C TYR A 249 16.25 11.39 1.71
N LYS A 250 16.59 12.67 1.58
CA LYS A 250 16.23 13.62 2.62
C LYS A 250 14.74 13.59 2.82
N ALA A 251 14.01 13.62 1.70
CA ALA A 251 12.59 13.80 1.67
C ALA A 251 11.88 12.54 2.15
N LEU A 252 12.38 11.41 1.69
CA LEU A 252 11.82 10.11 2.12
C LEU A 252 12.12 9.87 3.62
N HIS A 253 13.31 10.27 4.02
CA HIS A 253 13.68 10.13 5.40
C HIS A 253 12.77 10.98 6.26
N HIS A 254 12.49 12.19 5.78
CA HIS A 254 11.65 13.10 6.52
C HIS A 254 10.25 12.52 6.72
N ILE A 255 9.75 11.83 5.69
CA ILE A 255 8.44 11.25 5.76
C ILE A 255 8.44 10.09 6.75
N VAL A 256 9.43 9.21 6.61
CA VAL A 256 9.54 8.05 7.48
C VAL A 256 9.53 8.47 8.96
N HIS A 257 10.34 9.45 9.30
CA HIS A 257 10.45 9.88 10.70
C HIS A 257 9.52 11.02 11.05
N HIS A 258 8.50 11.28 10.25
CA HIS A 258 7.63 12.44 10.51
C HIS A 258 6.97 12.40 11.91
N PRO A 259 6.96 13.53 12.66
CA PRO A 259 6.39 13.51 14.05
C PRO A 259 4.89 13.20 14.15
N GLN A 260 4.14 13.71 13.19
CA GLN A 260 2.73 13.36 12.98
C GLN A 260 2.44 11.92 12.46
N LEU A 261 3.46 11.16 12.03
CA LEU A 261 3.23 9.81 11.45
C LEU A 261 3.88 8.65 12.21
N THR A 262 4.26 8.86 13.46
CA THR A 262 4.97 7.84 14.20
C THR A 262 4.15 6.54 14.31
N HIS A 263 2.85 6.65 14.49
CA HIS A 263 2.03 5.48 14.70
C HIS A 263 1.58 4.82 13.39
N VAL A 264 1.90 5.41 12.26
CA VAL A 264 1.48 4.78 11.01
C VAL A 264 2.57 3.88 10.39
N PRO A 265 2.18 2.66 10.03
CA PRO A 265 3.09 1.68 9.45
C PRO A 265 3.57 2.05 8.06
N LYS A 266 4.89 1.98 7.88
CA LYS A 266 5.56 2.38 6.65
C LYS A 266 5.94 1.10 5.90
N ILE A 267 5.45 0.94 4.67
CA ILE A 267 5.77 -0.26 3.85
C ILE A 267 6.59 0.12 2.63
N LEU A 268 7.79 -0.44 2.54
CA LEU A 268 8.56 -0.30 1.32
C LEU A 268 8.00 -1.23 0.26
N GLU A 269 7.82 -0.69 -0.92
CA GLU A 269 7.46 -1.48 -2.09
C GLU A 269 8.52 -1.20 -3.19
N THR A 270 9.78 -1.11 -2.78
CA THR A 270 10.89 -0.76 -3.63
C THR A 270 11.31 -1.92 -4.48
N PRO A 271 12.01 -1.62 -5.58
CA PRO A 271 12.30 -2.71 -6.53
C PRO A 271 13.52 -3.57 -6.10
N TYR A 272 13.43 -4.87 -6.38
CA TYR A 272 14.55 -5.78 -6.20
C TYR A 272 15.71 -5.29 -7.06
N VAL A 273 16.90 -5.76 -6.73
CA VAL A 273 18.14 -5.26 -7.33
C VAL A 273 18.93 -6.38 -7.98
N GLY A 274 19.58 -6.06 -9.09
CA GLY A 274 20.34 -7.04 -9.83
C GLY A 274 20.25 -6.80 -11.31
N GLU A 275 21.00 -5.82 -11.81
CA GLU A 275 21.29 -5.79 -13.23
C GLU A 275 22.14 -7.03 -13.54
N ASP A 276 22.03 -7.58 -14.74
CA ASP A 276 20.91 -7.39 -15.65
C ASP A 276 20.56 -8.75 -16.33
N LYS A 277 21.31 -9.81 -15.98
CA LYS A 277 21.07 -11.19 -16.45
C LYS A 277 20.92 -12.16 -15.26
N LYS A 278 21.32 -11.68 -14.08
CA LYS A 278 20.75 -12.12 -12.80
C LYS A 278 19.88 -10.92 -12.40
N ASP A 279 18.94 -11.04 -11.46
CA ASP A 279 18.54 -12.22 -10.65
C ASP A 279 19.19 -12.25 -9.28
N LYS A 280 18.72 -11.48 -8.29
CA LYS A 280 17.63 -10.47 -8.30
C LYS A 280 17.21 -10.37 -6.83
N LYS A 281 17.79 -9.40 -6.12
CA LYS A 281 17.86 -9.43 -4.64
C LYS A 281 16.96 -8.39 -3.96
N PRO A 282 16.27 -8.76 -2.85
CA PRO A 282 15.42 -7.80 -2.14
C PRO A 282 16.22 -6.69 -1.42
N PRO A 283 15.81 -5.41 -1.58
CA PRO A 283 16.51 -4.27 -0.98
C PRO A 283 16.09 -3.89 0.45
N TYR A 284 15.07 -4.55 0.97
CA TYR A 284 14.37 -4.09 2.16
C TYR A 284 15.26 -4.07 3.42
N LYS A 285 15.96 -5.15 3.73
CA LYS A 285 16.80 -5.13 4.90
C LYS A 285 17.70 -3.87 4.96
N LEU A 286 18.45 -3.65 3.87
CA LEU A 286 19.47 -2.58 3.83
C LEU A 286 18.84 -1.17 3.75
N GLU A 287 17.77 -1.06 2.99
CA GLU A 287 17.05 0.19 2.89
C GLU A 287 16.50 0.64 4.25
N ILE A 288 15.86 -0.32 4.93
CA ILE A 288 15.27 -0.07 6.25
C ILE A 288 16.34 0.46 7.21
N GLU A 289 17.51 -0.18 7.21
CA GLU A 289 18.54 0.20 8.16
C GLU A 289 19.14 1.56 7.77
N MET A 290 19.25 1.80 6.47
CA MET A 290 19.77 3.06 5.98
C MET A 290 18.88 4.23 6.38
N LEU A 291 17.57 3.99 6.39
CA LEU A 291 16.59 5.02 6.75
C LEU A 291 16.57 5.22 8.26
N LYS A 292 16.89 4.17 9.00
CA LYS A 292 17.08 4.27 10.43
C LYS A 292 18.33 5.11 10.74
N ASN A 293 19.41 4.85 10.00
CA ASN A 293 20.70 5.52 10.22
C ASN A 293 20.73 7.01 9.91
N GLY A 294 19.77 7.48 9.12
CA GLY A 294 19.66 8.89 8.86
C GLY A 294 20.68 9.49 7.91
N THR A 295 21.49 8.65 7.24
CA THR A 295 22.39 9.13 6.20
C THR A 295 22.38 8.25 4.93
N PHE A 296 22.42 8.90 3.77
CA PHE A 296 22.30 8.24 2.48
C PHE A 296 23.54 7.40 2.15
N ASP A 297 23.32 6.15 1.77
CA ASP A 297 24.43 5.26 1.46
C ASP A 297 24.52 5.09 -0.06
N GLU A 298 25.31 5.97 -0.66
CA GLU A 298 25.59 6.01 -2.07
C GLU A 298 25.82 4.62 -2.67
N GLY A 299 26.43 3.72 -1.89
CA GLY A 299 26.77 2.35 -2.31
C GLY A 299 25.82 1.25 -1.86
N LEU A 300 24.61 1.64 -1.42
CA LEU A 300 23.62 0.68 -0.94
C LEU A 300 23.24 -0.34 -2.00
N LEU A 301 23.17 0.07 -3.25
CA LEU A 301 22.82 -0.87 -4.31
C LEU A 301 23.88 -1.97 -4.44
N GLU A 302 25.16 -1.59 -4.33
CA GLU A 302 26.25 -2.59 -4.43
C GLU A 302 26.31 -3.52 -3.20
N LYS A 303 25.95 -2.99 -2.01
CA LYS A 303 25.76 -3.84 -0.81
C LYS A 303 24.55 -4.78 -0.95
N ILE A 304 23.44 -4.29 -1.51
CA ILE A 304 22.27 -5.15 -1.74
C ILE A 304 22.57 -6.35 -2.64
N LYS A 305 23.45 -6.15 -3.62
CA LYS A 305 23.80 -7.20 -4.58
C LYS A 305 24.59 -8.40 -3.96
N ALA A 306 25.32 -8.15 -2.89
CA ALA A 306 26.03 -9.20 -2.14
C ALA A 306 25.34 -9.38 -0.77
N GLN A 307 25.06 -10.64 -0.42
CA GLN A 307 24.24 -10.97 0.74
C GLN A 307 23.58 -12.31 0.52
#